data_9OJ3
#
_entry.id   9OJ3
#
_cell.length_a   48.338
_cell.length_b   67.490
_cell.length_c   70.072
_cell.angle_alpha   90.00
_cell.angle_beta   90.00
_cell.angle_gamma   90.00
#
_symmetry.space_group_name_H-M   'P 21 21 21'
#
loop_
_entity.id
_entity.type
_entity.pdbx_description
1 polymer 'Fibronectin binding protein'
2 polymer ARG-GLY-VAL-PRO-HIS-ILE-VAL-MET-VAL-ASP-ALA-TYR-LYS-ARG-TYR
3 non-polymer 6-tungstotellurate(VI)
4 non-polymer 'SULFATE ION'
5 water water
#
loop_
_entity_poly.entity_id
_entity_poly.type
_entity_poly.pdbx_seq_one_letter_code
_entity_poly.pdbx_strand_id
1 'polypeptide(L)' SATHIKFSKRDEDGRELAGATMELRDSSGKTISTWISDGHVKDFYLYPGKYTFVETAAPDGYEVATPIEFTVNEDGQVTV A,C
2 'polypeptide(L)' RGVPHIVMVDAYKRY B,D
#
# COMPACT_ATOMS: atom_id res chain seq x y z
N SER A 1 25.83 2.70 0.79
CA SER A 1 24.98 3.89 0.89
C SER A 1 23.54 3.61 1.35
N ALA A 2 22.78 4.67 1.60
CA ALA A 2 21.47 4.53 2.21
C ALA A 2 20.36 4.43 1.17
N THR A 3 19.34 3.66 1.52
CA THR A 3 18.20 3.40 0.66
C THR A 3 16.94 4.05 1.20
N HIS A 4 16.22 4.73 0.30
CA HIS A 4 14.96 5.38 0.60
C HIS A 4 13.82 4.37 0.65
N ILE A 5 13.08 4.37 1.75
CA ILE A 5 11.86 3.58 1.90
C ILE A 5 10.75 4.47 2.46
N LYS A 6 9.51 4.01 2.32
CA LYS A 6 8.36 4.67 2.88
C LYS A 6 7.59 3.70 3.74
N PHE A 7 7.15 4.16 4.88
CA PHE A 7 6.33 3.41 5.81
C PHE A 7 4.96 4.04 5.89
N SER A 8 3.92 3.21 5.76
CA SER A 8 2.54 3.65 5.83
C SER A 8 1.84 2.87 6.93
N LYS A 9 1.30 3.60 7.92
CA LYS A 9 0.39 3.04 8.90
C LYS A 9 -1.03 3.36 8.44
N ARG A 10 -1.82 2.31 8.17
CA ARG A 10 -3.15 2.50 7.62
C ARG A 10 -4.20 1.77 8.45
N ASP A 11 -5.45 2.14 8.18
CA ASP A 11 -6.62 1.41 8.67
C ASP A 11 -7.00 0.35 7.66
N GLU A 12 -8.05 -0.41 8.00
CA GLU A 12 -8.49 -1.51 7.16
C GLU A 12 -9.05 -1.04 5.84
N ASP A 13 -9.35 0.25 5.71
CA ASP A 13 -9.94 0.78 4.48
C ASP A 13 -8.91 1.46 3.59
N GLY A 14 -7.62 1.21 3.83
CA GLY A 14 -6.58 1.72 2.97
C GLY A 14 -6.21 3.17 3.18
N ARG A 15 -6.60 3.75 4.32
CA ARG A 15 -6.35 5.16 4.59
C ARG A 15 -5.26 5.31 5.64
N GLU A 16 -4.36 6.28 5.44
CA GLU A 16 -3.33 6.52 6.45
C GLU A 16 -3.98 6.85 7.79
N LEU A 17 -3.36 6.38 8.86
CA LEU A 17 -3.96 6.44 10.18
C LEU A 17 -3.01 7.15 11.13
N ALA A 18 -3.47 8.22 11.76
CA ALA A 18 -2.69 8.96 12.74
C ALA A 18 -2.86 8.36 14.13
N GLY A 19 -1.83 8.54 14.95
CA GLY A 19 -1.93 8.31 16.37
C GLY A 19 -1.30 7.02 16.87
N ALA A 20 -0.65 6.25 15.99
CA ALA A 20 0.03 5.03 16.41
C ALA A 20 1.43 5.34 16.91
N THR A 21 1.82 4.74 18.03
CA THR A 21 3.16 4.87 18.55
C THR A 21 4.03 3.80 17.93
N MET A 22 5.04 4.23 17.18
CA MET A 22 5.84 3.34 16.36
C MET A 22 7.31 3.43 16.72
N GLU A 23 8.03 2.35 16.44
CA GLU A 23 9.48 2.37 16.46
C GLU A 23 10.02 1.52 15.31
N LEU A 24 11.24 1.86 14.95
CA LEU A 24 12.03 1.14 13.96
C LEU A 24 13.29 0.69 14.66
N ARG A 25 13.55 -0.62 14.64
CA ARG A 25 14.68 -1.25 15.28
C ARG A 25 15.53 -1.99 14.25
N ASP A 26 16.83 -2.06 14.52
CA ASP A 26 17.74 -2.85 13.69
C ASP A 26 17.93 -4.23 14.32
N SER A 27 18.69 -5.08 13.63
CA SER A 27 18.81 -6.48 14.03
C SER A 27 19.54 -6.65 15.35
N SER A 28 20.31 -5.65 15.77
CA SER A 28 21.01 -5.70 17.04
C SER A 28 20.19 -5.13 18.20
N GLY A 29 18.95 -4.72 17.95
CA GLY A 29 18.11 -4.17 19.00
C GLY A 29 18.24 -2.66 19.20
N LYS A 30 19.02 -1.97 18.38
CA LYS A 30 19.12 -0.53 18.49
C LYS A 30 17.85 0.09 17.93
N THR A 31 17.36 1.12 18.61
CA THR A 31 16.20 1.87 18.14
C THR A 31 16.69 2.98 17.20
N ILE A 32 16.30 2.88 15.94
CA ILE A 32 16.68 3.84 14.91
C ILE A 32 15.84 5.11 15.03
N SER A 33 14.55 4.95 15.33
CA SER A 33 13.62 6.05 15.37
C SER A 33 12.37 5.63 16.13
N THR A 34 11.78 6.59 16.84
CA THR A 34 10.45 6.47 17.42
C THR A 34 9.63 7.66 16.96
N TRP A 35 8.35 7.44 16.70
CA TRP A 35 7.51 8.51 16.20
C TRP A 35 6.06 8.13 16.43
N ILE A 36 5.19 9.13 16.32
CA ILE A 36 3.74 8.96 16.33
C ILE A 36 3.26 9.17 14.90
N SER A 37 2.54 8.19 14.35
CA SER A 37 2.05 8.33 12.99
C SER A 37 1.15 9.55 12.88
N ASP A 38 1.26 10.27 11.76
CA ASP A 38 0.56 11.55 11.59
C ASP A 38 -0.47 11.58 10.48
N GLY A 39 -0.89 10.43 9.96
CA GLY A 39 -1.86 10.42 8.89
C GLY A 39 -1.26 10.63 7.52
N HIS A 40 0.06 10.53 7.40
CA HIS A 40 0.76 10.55 6.13
C HIS A 40 1.88 9.51 6.16
N VAL A 41 2.29 9.08 4.97
CA VAL A 41 3.43 8.21 4.78
C VAL A 41 4.63 8.84 5.47
N LYS A 42 5.55 8.01 5.93
CA LYS A 42 6.77 8.47 6.57
C LYS A 42 7.98 7.89 5.84
N ASP A 43 8.87 8.76 5.40
CA ASP A 43 10.06 8.37 4.68
C ASP A 43 11.20 8.04 5.65
N PHE A 44 12.00 7.06 5.25
CA PHE A 44 13.26 6.77 5.92
C PHE A 44 14.37 6.58 4.89
N TYR A 45 15.60 6.86 5.31
CA TYR A 45 16.81 6.43 4.60
C TYR A 45 17.59 5.49 5.51
N LEU A 46 17.86 4.28 5.03
CA LEU A 46 18.47 3.23 5.83
C LEU A 46 19.62 2.56 5.10
N TYR A 47 20.69 2.29 5.84
CA TYR A 47 21.80 1.50 5.33
C TYR A 47 21.43 0.02 5.32
N PRO A 48 22.21 -0.80 4.61
CA PRO A 48 21.88 -2.23 4.54
C PRO A 48 21.81 -2.87 5.92
N GLY A 49 20.84 -3.76 6.08
CA GLY A 49 20.63 -4.46 7.32
C GLY A 49 19.23 -5.02 7.38
N LYS A 50 18.95 -5.70 8.48
CA LYS A 50 17.65 -6.26 8.81
C LYS A 50 16.99 -5.35 9.84
N TYR A 51 15.73 -4.99 9.59
CA TYR A 51 15.04 -4.04 10.45
C TYR A 51 13.64 -4.54 10.78
N THR A 52 13.05 -3.96 11.81
N THR A 52 13.02 -3.93 11.79
CA THR A 52 11.69 -4.29 12.22
CA THR A 52 11.68 -4.31 12.21
C THR A 52 10.93 -3.01 12.57
C THR A 52 10.90 -3.06 12.62
N PHE A 53 9.77 -2.85 11.96
CA PHE A 53 8.79 -1.86 12.40
C PHE A 53 7.95 -2.49 13.50
N VAL A 54 7.90 -1.84 14.66
CA VAL A 54 7.19 -2.35 15.83
C VAL A 54 6.21 -1.28 16.28
N GLU A 55 4.95 -1.66 16.43
CA GLU A 55 3.92 -0.78 16.98
C GLU A 55 3.84 -0.96 18.49
N THR A 56 4.15 0.11 19.22
CA THR A 56 4.07 0.13 20.68
C THR A 56 2.64 0.28 21.17
N ALA A 57 1.85 1.08 20.48
CA ALA A 57 0.46 1.29 20.84
C ALA A 57 -0.27 1.79 19.60
N ALA A 58 -1.52 1.38 19.48
CA ALA A 58 -2.39 1.86 18.41
C ALA A 58 -3.21 3.01 18.90
N PRO A 59 -3.76 3.81 17.99
CA PRO A 59 -4.74 4.82 18.40
C PRO A 59 -5.92 4.13 19.07
N ASP A 60 -6.66 4.92 19.86
CA ASP A 60 -7.87 4.39 20.52
C ASP A 60 -8.77 3.72 19.49
N GLY A 61 -9.25 2.53 19.82
CA GLY A 61 -10.21 1.86 18.96
C GLY A 61 -9.61 0.93 17.91
N TYR A 62 -8.28 0.82 17.86
CA TYR A 62 -7.61 -0.01 16.88
C TYR A 62 -6.76 -1.05 17.59
N GLU A 63 -6.55 -2.17 16.90
CA GLU A 63 -5.72 -3.27 17.37
C GLU A 63 -4.28 -3.08 16.92
N VAL A 64 -3.33 -3.44 17.79
CA VAL A 64 -1.91 -3.41 17.45
C VAL A 64 -1.60 -4.46 16.40
N ALA A 65 -0.89 -4.06 15.37
CA ALA A 65 -0.45 -4.92 14.28
C ALA A 65 0.79 -5.72 14.65
N THR A 66 0.94 -6.89 14.02
CA THR A 66 2.14 -7.68 14.15
C THR A 66 3.34 -6.92 13.61
N PRO A 67 4.51 -7.00 14.25
CA PRO A 67 5.69 -6.35 13.68
C PRO A 67 5.99 -6.79 12.26
N ILE A 68 6.63 -5.89 11.51
CA ILE A 68 7.02 -6.16 10.13
C ILE A 68 8.54 -6.13 10.04
N GLU A 69 9.12 -7.27 9.67
CA GLU A 69 10.56 -7.35 9.41
C GLU A 69 10.82 -7.15 7.93
N PHE A 70 11.93 -6.50 7.63
CA PHE A 70 12.35 -6.32 6.26
C PHE A 70 13.87 -6.24 6.22
N THR A 71 14.42 -6.46 5.03
CA THR A 71 15.84 -6.42 4.79
C THR A 71 16.14 -5.40 3.71
N VAL A 72 17.10 -4.52 3.99
CA VAL A 72 17.68 -3.62 3.01
C VAL A 72 18.99 -4.26 2.55
N ASN A 73 19.03 -4.63 1.27
CA ASN A 73 20.17 -5.36 0.74
C ASN A 73 21.27 -4.41 0.32
N GLU A 74 22.48 -4.97 0.17
CA GLU A 74 23.64 -4.17 -0.18
C GLU A 74 23.37 -3.29 -1.39
N ASP A 75 22.49 -3.72 -2.28
CA ASP A 75 22.28 -3.08 -3.57
C ASP A 75 21.01 -2.24 -3.64
N GLY A 76 20.39 -1.92 -2.50
CA GLY A 76 19.19 -1.12 -2.49
C GLY A 76 17.89 -1.88 -2.67
N GLN A 77 17.93 -3.19 -2.90
CA GLN A 77 16.71 -3.96 -2.92
C GLN A 77 16.21 -4.14 -1.50
N VAL A 78 14.91 -3.96 -1.32
CA VAL A 78 14.25 -4.20 -0.03
C VAL A 78 13.34 -5.41 -0.19
N THR A 79 13.44 -6.33 0.78
CA THR A 79 12.61 -7.53 0.84
C THR A 79 11.81 -7.50 2.13
N VAL A 80 10.52 -7.81 2.04
CA VAL A 80 9.66 -7.88 3.21
C VAL A 80 9.41 -9.31 3.66
N ARG B 1 10.68 7.60 -7.91
CA ARG B 1 10.11 6.34 -8.39
C ARG B 1 10.82 5.11 -7.84
N GLY B 2 10.04 4.08 -7.50
CA GLY B 2 10.60 2.82 -7.09
C GLY B 2 10.90 2.71 -5.63
N VAL B 3 10.52 3.71 -4.85
CA VAL B 3 10.75 3.63 -3.41
C VAL B 3 9.85 2.54 -2.83
N PRO B 4 10.37 1.58 -2.08
CA PRO B 4 9.48 0.57 -1.49
C PRO B 4 8.51 1.17 -0.49
N HIS B 5 7.25 0.71 -0.52
CA HIS B 5 6.19 1.12 0.39
C HIS B 5 5.93 -0.04 1.33
N ILE B 6 6.26 0.12 2.62
CA ILE B 6 6.00 -0.89 3.66
C ILE B 6 4.77 -0.45 4.42
N VAL B 7 3.72 -1.28 4.42
CA VAL B 7 2.40 -0.92 4.93
C VAL B 7 2.07 -1.80 6.14
N MET B 8 1.71 -1.15 7.24
CA MET B 8 1.23 -1.83 8.44
C MET B 8 -0.23 -1.43 8.64
N VAL B 9 -1.12 -2.43 8.72
CA VAL B 9 -2.54 -2.18 8.85
C VAL B 9 -2.95 -2.32 10.30
N ASP B 10 -3.64 -1.31 10.80
CA ASP B 10 -4.28 -1.34 12.15
C ASP B 10 -5.73 -1.74 11.94
N ALA B 11 -6.10 -2.93 12.41
CA ALA B 11 -7.48 -3.36 12.33
C ALA B 11 -8.33 -2.64 13.39
N TYR B 12 -9.62 -2.54 13.13
CA TYR B 12 -10.53 -1.98 14.11
C TYR B 12 -10.76 -2.97 15.23
N LYS B 13 -10.83 -2.46 16.46
CA LYS B 13 -11.45 -3.23 17.54
C LYS B 13 -12.94 -3.36 17.27
N ARG B 14 -13.53 -4.48 17.73
CA ARG B 14 -14.94 -4.74 17.45
C ARG B 14 -15.83 -3.55 17.82
N TYR B 15 -15.50 -2.83 18.89
CA TYR B 15 -16.33 -1.65 19.10
C TYR B 15 -16.18 -0.53 18.07
N SER C 1 -18.66 15.87 -5.83
CA SER C 1 -19.22 14.70 -5.17
C SER C 1 -18.44 13.43 -5.52
N ALA C 2 -17.41 13.55 -6.35
CA ALA C 2 -16.60 12.39 -6.70
C ALA C 2 -15.58 12.12 -5.59
N THR C 3 -15.36 10.84 -5.31
CA THR C 3 -14.44 10.40 -4.26
C THR C 3 -13.08 10.08 -4.86
N HIS C 4 -12.05 10.65 -4.25
CA HIS C 4 -10.66 10.46 -4.63
C HIS C 4 -10.16 9.12 -4.08
N ILE C 5 -9.62 8.29 -4.96
CA ILE C 5 -8.97 7.06 -4.57
C ILE C 5 -7.60 6.99 -5.26
N LYS C 6 -6.70 6.20 -4.69
CA LYS C 6 -5.41 5.93 -5.28
C LYS C 6 -5.29 4.44 -5.53
N PHE C 7 -4.86 4.09 -6.75
CA PHE C 7 -4.62 2.70 -7.15
C PHE C 7 -3.11 2.47 -7.29
N SER C 8 -2.62 1.43 -6.63
CA SER C 8 -1.22 1.04 -6.68
C SER C 8 -1.10 -0.36 -7.24
N LYS C 9 -0.38 -0.49 -8.35
CA LYS C 9 0.02 -1.79 -8.89
C LYS C 9 1.47 -2.00 -8.45
N ARG C 10 1.69 -2.98 -7.58
CA ARG C 10 2.98 -3.20 -6.95
C ARG C 10 3.50 -4.61 -7.20
N ASP C 11 4.79 -4.77 -6.98
CA ASP C 11 5.37 -6.10 -6.84
C ASP C 11 5.16 -6.59 -5.39
N GLU C 12 5.73 -7.73 -5.06
CA GLU C 12 5.54 -8.35 -3.75
C GLU C 12 6.34 -7.67 -2.65
N ASP C 13 7.25 -6.77 -3.01
CA ASP C 13 8.15 -6.14 -2.06
C ASP C 13 7.92 -4.64 -1.95
N GLY C 14 6.69 -4.22 -2.20
CA GLY C 14 6.28 -2.86 -1.92
C GLY C 14 6.63 -1.84 -2.97
N ARG C 15 7.16 -2.24 -4.12
CA ARG C 15 7.57 -1.29 -5.15
C ARG C 15 6.49 -1.19 -6.21
N GLU C 16 6.13 0.04 -6.60
CA GLU C 16 5.22 0.21 -7.72
C GLU C 16 5.82 -0.42 -8.97
N LEU C 17 4.98 -1.09 -9.77
CA LEU C 17 5.43 -1.91 -10.88
C LEU C 17 4.90 -1.32 -12.19
N ALA C 18 5.81 -1.04 -13.12
CA ALA C 18 5.42 -0.59 -14.45
C ALA C 18 5.17 -1.78 -15.37
N GLY C 19 4.33 -1.55 -16.36
CA GLY C 19 4.18 -2.50 -17.46
C GLY C 19 2.94 -3.35 -17.44
N ALA C 20 2.09 -3.22 -16.42
CA ALA C 20 0.85 -3.99 -16.35
C ALA C 20 -0.25 -3.31 -17.18
N THR C 21 -1.00 -4.11 -17.94
CA THR C 21 -2.08 -3.60 -18.75
C THR C 21 -3.36 -3.63 -17.91
N MET C 22 -3.91 -2.46 -17.59
CA MET C 22 -4.97 -2.32 -16.62
C MET C 22 -6.25 -1.74 -17.24
N GLU C 23 -7.36 -2.09 -16.60
CA GLU C 23 -8.65 -1.49 -16.89
C GLU C 23 -9.41 -1.26 -15.59
N LEU C 24 -10.29 -0.28 -15.63
CA LEU C 24 -11.25 -0.02 -14.57
C LEU C 24 -12.63 -0.09 -15.22
N ARG C 25 -13.50 -0.94 -14.69
CA ARG C 25 -14.83 -1.15 -15.23
C ARG C 25 -15.88 -0.83 -14.19
N ASP C 26 -17.07 -0.47 -14.65
CA ASP C 26 -18.20 -0.24 -13.76
C ASP C 26 -19.01 -1.54 -13.64
N SER C 27 -20.08 -1.49 -12.84
CA SER C 27 -20.86 -2.69 -12.54
C SER C 27 -21.59 -3.20 -13.78
N SER C 28 -21.93 -2.29 -14.70
CA SER C 28 -22.46 -2.71 -16.00
C SER C 28 -21.36 -3.02 -17.01
N GLY C 29 -20.22 -3.51 -16.54
CA GLY C 29 -19.14 -3.95 -17.41
C GLY C 29 -18.62 -2.92 -18.40
N LYS C 30 -19.08 -1.67 -18.28
CA LYS C 30 -18.59 -0.60 -19.13
C LYS C 30 -17.18 -0.21 -18.70
N THR C 31 -16.29 -0.05 -19.67
CA THR C 31 -14.91 0.35 -19.43
C THR C 31 -14.85 1.84 -19.15
N ILE C 32 -14.31 2.21 -18.00
CA ILE C 32 -14.11 3.60 -17.60
C ILE C 32 -12.76 4.12 -18.06
N SER C 33 -11.71 3.35 -17.80
N SER C 33 -11.70 3.36 -17.81
CA SER C 33 -10.36 3.74 -18.13
CA SER C 33 -10.35 3.78 -18.15
C SER C 33 -9.56 2.50 -18.53
C SER C 33 -9.52 2.55 -18.47
N THR C 34 -8.54 2.72 -19.36
CA THR C 34 -7.54 1.70 -19.64
C THR C 34 -6.18 2.39 -19.65
N TRP C 35 -5.17 1.71 -19.12
CA TRP C 35 -3.86 2.31 -19.03
C TRP C 35 -2.82 1.21 -18.83
N ILE C 36 -1.57 1.59 -19.03
CA ILE C 36 -0.43 0.78 -18.65
C ILE C 36 0.13 1.37 -17.35
N SER C 37 0.35 0.53 -16.34
CA SER C 37 0.94 1.04 -15.10
C SER C 37 2.32 1.61 -15.41
N ASP C 38 2.65 2.74 -14.78
CA ASP C 38 3.89 3.45 -15.07
C ASP C 38 4.89 3.43 -13.91
N GLY C 39 4.69 2.56 -12.93
CA GLY C 39 5.59 2.51 -11.79
C GLY C 39 5.32 3.59 -10.77
N HIS C 40 4.13 4.16 -10.78
CA HIS C 40 3.67 5.07 -9.75
C HIS C 40 2.19 4.79 -9.46
N VAL C 41 1.73 5.30 -8.32
CA VAL C 41 0.32 5.31 -7.97
C VAL C 41 -0.44 6.03 -9.07
N LYS C 42 -1.73 5.66 -9.20
CA LYS C 42 -2.62 6.31 -10.14
C LYS C 42 -3.87 6.81 -9.41
N ASP C 43 -4.18 8.09 -9.59
CA ASP C 43 -5.32 8.73 -8.95
C ASP C 43 -6.61 8.60 -9.79
N PHE C 44 -7.72 8.30 -9.11
CA PHE C 44 -9.04 8.27 -9.71
C PHE C 44 -10.01 9.08 -8.85
N TYR C 45 -11.02 9.63 -9.51
CA TYR C 45 -12.09 10.40 -8.88
C TYR C 45 -13.39 9.79 -9.40
N LEU C 46 -14.09 9.09 -8.52
CA LEU C 46 -15.21 8.24 -8.91
C LEU C 46 -16.46 8.59 -8.12
N TYR C 47 -17.59 8.63 -8.80
CA TYR C 47 -18.88 8.82 -8.16
C TYR C 47 -19.36 7.49 -7.60
N PRO C 48 -20.37 7.51 -6.72
CA PRO C 48 -20.83 6.27 -6.11
C PRO C 48 -21.22 5.21 -7.13
N GLY C 49 -20.93 3.96 -6.79
CA GLY C 49 -21.13 2.87 -7.70
C GLY C 49 -20.23 1.70 -7.35
N LYS C 50 -20.39 0.62 -8.10
CA LYS C 50 -19.56 -0.58 -7.98
C LYS C 50 -18.60 -0.63 -9.16
N TYR C 51 -17.35 -0.99 -8.88
CA TYR C 51 -16.29 -0.96 -9.89
C TYR C 51 -15.36 -2.15 -9.71
N THR C 52 -14.61 -2.45 -10.77
CA THR C 52 -13.58 -3.48 -10.71
C THR C 52 -12.31 -2.99 -11.37
N PHE C 53 -11.18 -3.13 -10.69
CA PHE C 53 -9.86 -3.04 -11.30
C PHE C 53 -9.50 -4.40 -11.88
N VAL C 54 -9.21 -4.46 -13.17
CA VAL C 54 -8.83 -5.69 -13.84
C VAL C 54 -7.44 -5.54 -14.43
N GLU C 55 -6.57 -6.50 -14.13
CA GLU C 55 -5.28 -6.60 -14.81
C GLU C 55 -5.49 -7.47 -16.04
N THR C 56 -5.59 -6.81 -17.20
CA THR C 56 -5.72 -7.51 -18.48
C THR C 56 -4.52 -8.40 -18.76
N ALA C 57 -3.33 -7.90 -18.49
CA ALA C 57 -2.08 -8.61 -18.70
C ALA C 57 -1.02 -8.06 -17.76
N ALA C 58 -0.05 -8.90 -17.44
CA ALA C 58 1.04 -8.54 -16.56
C ALA C 58 2.36 -8.44 -17.33
N PRO C 59 3.32 -7.72 -16.78
CA PRO C 59 4.65 -7.70 -17.40
C PRO C 59 5.33 -9.05 -17.24
N ASP C 60 6.32 -9.29 -18.09
CA ASP C 60 7.04 -10.55 -18.10
C ASP C 60 7.63 -10.84 -16.72
N GLY C 61 7.49 -12.09 -16.27
CA GLY C 61 8.04 -12.49 -14.99
C GLY C 61 7.10 -12.38 -13.82
N TYR C 62 5.89 -11.87 -14.01
CA TYR C 62 4.93 -11.63 -12.96
C TYR C 62 3.67 -12.41 -13.23
N GLU C 63 3.01 -12.84 -12.16
CA GLU C 63 1.73 -13.52 -12.25
C GLU C 63 0.61 -12.49 -12.19
N VAL C 64 -0.35 -12.64 -13.09
CA VAL C 64 -1.49 -11.73 -13.13
C VAL C 64 -2.28 -11.84 -11.82
N ALA C 65 -2.74 -10.69 -11.34
CA ALA C 65 -3.52 -10.60 -10.12
C ALA C 65 -5.00 -10.79 -10.41
N THR C 66 -5.72 -11.34 -9.44
CA THR C 66 -7.16 -11.43 -9.55
C THR C 66 -7.80 -10.03 -9.55
N PRO C 67 -8.87 -9.83 -10.31
CA PRO C 67 -9.56 -8.53 -10.28
C PRO C 67 -10.02 -8.15 -8.88
N ILE C 68 -10.05 -6.84 -8.64
CA ILE C 68 -10.44 -6.29 -7.35
C ILE C 68 -11.74 -5.53 -7.53
N GLU C 69 -12.80 -6.01 -6.91
CA GLU C 69 -14.09 -5.34 -6.94
C GLU C 69 -14.21 -4.46 -5.71
N PHE C 70 -14.76 -3.27 -5.89
CA PHE C 70 -14.95 -2.36 -4.77
C PHE C 70 -16.17 -1.49 -5.03
N THR C 71 -16.64 -0.87 -3.96
CA THR C 71 -17.80 0.01 -4.03
C THR C 71 -17.42 1.36 -3.45
N VAL C 72 -17.89 2.41 -4.12
CA VAL C 72 -17.87 3.76 -3.59
C VAL C 72 -19.30 4.03 -3.15
N ASN C 73 -19.48 4.20 -1.84
N ASN C 73 -19.52 4.16 -1.84
CA ASN C 73 -20.77 4.44 -1.22
CA ASN C 73 -20.86 4.40 -1.34
C ASN C 73 -21.12 5.93 -1.25
C ASN C 73 -21.17 5.90 -1.37
N GLU C 74 -22.39 6.24 -0.99
CA GLU C 74 -22.86 7.62 -1.13
C GLU C 74 -22.10 8.58 -0.21
N ASP C 75 -21.74 8.15 1.00
CA ASP C 75 -20.98 9.01 1.89
C ASP C 75 -19.47 8.92 1.65
N GLY C 76 -19.07 8.52 0.44
CA GLY C 76 -17.66 8.57 0.07
C GLY C 76 -16.78 7.51 0.68
N GLN C 77 -17.36 6.51 1.33
CA GLN C 77 -16.58 5.41 1.87
C GLN C 77 -16.33 4.41 0.75
N VAL C 78 -15.12 3.86 0.73
CA VAL C 78 -14.70 2.89 -0.28
C VAL C 78 -14.50 1.56 0.43
N THR C 79 -15.12 0.51 -0.08
CA THR C 79 -14.97 -0.83 0.51
C THR C 79 -14.68 -1.85 -0.58
N VAL C 80 -13.64 -2.63 -0.36
CA VAL C 80 -13.18 -3.60 -1.35
C VAL C 80 -13.88 -4.94 -1.18
N ARG D 1 -5.02 14.18 2.36
CA ARG D 1 -5.10 13.35 3.55
C ARG D 1 -6.29 12.40 3.52
N GLY D 2 -6.07 11.14 3.93
CA GLY D 2 -7.15 10.21 4.13
C GLY D 2 -7.72 9.58 2.88
N VAL D 3 -7.03 9.68 1.76
CA VAL D 3 -7.46 9.03 0.51
C VAL D 3 -7.30 7.52 0.64
N PRO D 4 -8.31 6.72 0.30
CA PRO D 4 -8.11 5.26 0.32
C PRO D 4 -7.17 4.81 -0.78
N HIS D 5 -6.26 3.91 -0.42
CA HIS D 5 -5.36 3.26 -1.35
C HIS D 5 -5.84 1.84 -1.61
N ILE D 6 -6.02 1.52 -2.88
CA ILE D 6 -6.35 0.17 -3.30
C ILE D 6 -5.10 -0.40 -3.93
N VAL D 7 -4.64 -1.56 -3.44
CA VAL D 7 -3.36 -2.12 -3.83
C VAL D 7 -3.58 -3.45 -4.54
N MET D 8 -2.97 -3.59 -5.72
CA MET D 8 -2.98 -4.84 -6.47
C MET D 8 -1.55 -5.35 -6.59
N VAL D 9 -1.28 -6.55 -6.09
CA VAL D 9 0.06 -7.11 -6.06
C VAL D 9 0.24 -8.05 -7.23
N ASP D 10 1.36 -7.87 -7.93
CA ASP D 10 1.81 -8.79 -9.02
C ASP D 10 2.92 -9.66 -8.40
N ALA D 11 2.57 -10.92 -8.10
CA ALA D 11 3.56 -11.85 -7.54
C ALA D 11 4.61 -12.20 -8.60
N TYR D 12 5.81 -12.53 -8.13
CA TYR D 12 6.82 -13.04 -9.04
C TYR D 12 6.42 -14.45 -9.47
N LYS D 13 6.66 -14.78 -10.73
CA LYS D 13 6.67 -16.19 -11.13
C LYS D 13 7.85 -16.89 -10.45
N ARG D 14 7.66 -18.18 -10.19
CA ARG D 14 8.65 -18.99 -9.47
C ARG D 14 10.07 -18.74 -10.01
N TYR D 15 10.23 -18.74 -11.32
CA TYR D 15 11.46 -18.28 -11.94
C TYR D 15 11.42 -16.73 -11.86
#